data_8PI8
#
_entry.id   8PI8
#
_cell.length_a   46.703
_cell.length_b   55.038
_cell.length_c   202.071
_cell.angle_alpha   90.000
_cell.angle_beta   90.000
_cell.angle_gamma   90.000
#
_symmetry.space_group_name_H-M   'P 21 21 21'
#
loop_
_entity.id
_entity.type
_entity.pdbx_description
1 polymer 'Chains: E'
2 polymer 'Chains: F'
3 polymer 'Hepatocyte nuclear factor 1-alpha'
4 non-polymer GLYCEROL
5 water water
#
loop_
_entity_poly.entity_id
_entity_poly.type
_entity_poly.pdbx_seq_one_letter_code
_entity_poly.pdbx_strand_id
1 'polydeoxyribonucleotide'
;(DA)(DC)(DT)(DG)(DG)(DT)(DT)(DA)(DC)(DT)(DC)(DT)(DT)(DT)(DA)(DA)(DC)(DG)(DT)(DA)
(DT)
;
E
2 'polydeoxyribonucleotide'
;(DA)(DT)(DA)(DC)(DG)(DT)(DT)(DA)(DA)(DA)(DG)(DA)(DG)(DT)(DA)(DA)(DC)(DC)(DA)(DG)
(DT)
;
F
3 'polypeptide(L)'
;GPPILKELENLSPEEAAHQKAVVETLLQEDPWRVAKMVKSYLQQHNIPQREVVDTTGLNQSHLSQHLNKGTPMKTQKRAA
LYTWYVRKQREVAQQFTHAGQGGLIEEPTGDELPTKKGRRNRFKWGPASQQILFQAYERQKNPSKEERETLVEECNRAEC
IQRGVSPSQAQGLGSNLVTEVRVYNWFANRRKEEAFRH
;
A,B
#
loop_
_chem_comp.id
_chem_comp.type
_chem_comp.name
_chem_comp.formula
DA DNA linking 2'-DEOXYADENOSINE-5'-MONOPHOSPHATE 'C10 H14 N5 O6 P'
DC DNA linking 2'-DEOXYCYTIDINE-5'-MONOPHOSPHATE 'C9 H14 N3 O7 P'
DG DNA linking 2'-DEOXYGUANOSINE-5'-MONOPHOSPHATE 'C10 H14 N5 O7 P'
DT DNA linking THYMIDINE-5'-MONOPHOSPHATE 'C10 H15 N2 O8 P'
GOL non-polymer GLYCEROL 'C3 H8 O3'
#
# COMPACT_ATOMS: atom_id res chain seq x y z
N ILE C 4 23.50 13.37 36.57
CA ILE C 4 24.33 12.26 36.11
C ILE C 4 25.20 12.69 34.94
N LEU C 5 26.43 12.18 34.90
CA LEU C 5 27.37 12.55 33.86
C LEU C 5 26.95 12.05 32.47
N LYS C 6 26.21 10.95 32.43
CA LYS C 6 25.81 10.37 31.14
C LYS C 6 24.67 11.17 30.51
N GLU C 7 23.72 11.62 31.33
CA GLU C 7 22.64 12.49 30.85
C GLU C 7 23.14 13.88 30.48
N LEU C 8 24.35 14.25 30.88
CA LEU C 8 24.94 15.52 30.47
C LEU C 8 25.24 15.57 28.99
N GLU C 9 24.84 14.58 28.21
CA GLU C 9 25.01 14.63 26.76
C GLU C 9 23.76 15.19 26.08
N ASN C 10 23.33 16.34 26.58
CA ASN C 10 22.36 17.18 25.89
C ASN C 10 23.10 17.89 24.75
N LEU C 11 22.41 18.80 24.09
CA LEU C 11 22.97 19.52 22.96
C LEU C 11 23.50 20.87 23.43
N SER C 12 24.76 21.16 23.12
CA SER C 12 25.32 22.48 23.39
C SER C 12 24.83 23.48 22.34
N PRO C 13 24.78 24.77 22.68
CA PRO C 13 24.34 25.77 21.70
C PRO C 13 25.11 25.73 20.38
N GLU C 14 26.43 25.52 20.43
CA GLU C 14 27.22 25.48 19.20
C GLU C 14 26.85 24.26 18.35
N GLU C 15 26.61 23.11 18.99
CA GLU C 15 26.26 21.90 18.24
C GLU C 15 24.83 21.98 17.72
N ALA C 16 23.95 22.65 18.45
CA ALA C 16 22.59 22.86 17.96
C ALA C 16 22.59 23.79 16.76
N ALA C 17 23.42 24.83 16.79
CA ALA C 17 23.52 25.72 15.63
C ALA C 17 24.05 24.97 14.42
N HIS C 18 24.99 24.04 14.63
CA HIS C 18 25.49 23.23 13.53
C HIS C 18 24.38 22.38 12.93
N GLN C 19 23.48 21.86 13.77
CA GLN C 19 22.32 21.11 13.26
C GLN C 19 21.45 22.00 12.38
N LYS C 20 21.12 23.20 12.86
CA LYS C 20 20.34 24.12 12.06
C LYS C 20 21.06 24.51 10.77
N ALA C 21 22.39 24.61 10.82
CA ALA C 21 23.16 24.91 9.62
C ALA C 21 23.06 23.78 8.61
N VAL C 22 23.11 22.54 9.07
CA VAL C 22 22.96 21.39 8.17
C VAL C 22 21.60 21.41 7.49
N VAL C 23 20.55 21.70 8.26
CA VAL C 23 19.21 21.78 7.69
C VAL C 23 19.14 22.90 6.65
N GLU C 24 19.81 24.03 6.93
CA GLU C 24 19.80 25.13 5.98
C GLU C 24 20.58 24.76 4.72
N THR C 25 21.72 24.08 4.87
CA THR C 25 22.48 23.66 3.70
C THR C 25 21.73 22.58 2.92
N LEU C 26 20.96 21.74 3.62
CA LEU C 26 20.18 20.71 2.95
C LEU C 26 19.08 21.31 2.09
N LEU C 27 18.45 22.38 2.57
CA LEU C 27 17.42 23.06 1.80
C LEU C 27 17.97 23.72 0.55
N GLN C 28 19.27 23.97 0.50
CA GLN C 28 19.90 24.54 -0.69
C GLN C 28 20.30 23.47 -1.71
N GLU C 29 20.41 22.22 -1.29
CA GLU C 29 20.73 21.13 -2.19
C GLU C 29 19.49 20.75 -3.01
N ASP C 30 19.71 19.90 -4.01
CA ASP C 30 18.60 19.41 -4.83
C ASP C 30 17.68 18.55 -3.97
N PRO C 31 16.36 18.81 -3.99
CA PRO C 31 15.47 18.08 -3.08
C PRO C 31 15.41 16.58 -3.35
N TRP C 32 15.55 16.16 -4.60
CA TRP C 32 15.48 14.73 -4.91
C TRP C 32 16.69 13.97 -4.36
N ARG C 33 17.88 14.57 -4.48
CA ARG C 33 19.08 13.89 -3.98
C ARG C 33 19.02 13.71 -2.46
N VAL C 34 18.49 14.71 -1.74
CA VAL C 34 18.35 14.58 -0.30
C VAL C 34 17.25 13.57 0.04
N ALA C 35 16.18 13.55 -0.77
CA ALA C 35 15.11 12.58 -0.54
C ALA C 35 15.63 11.15 -0.70
N LYS C 36 16.49 10.92 -1.69
CA LYS C 36 17.08 9.58 -1.84
C LYS C 36 17.93 9.22 -0.63
N MET C 37 18.58 10.20 -0.01
CA MET C 37 19.46 9.91 1.11
C MET C 37 18.67 9.70 2.39
N VAL C 38 17.58 10.46 2.58
CA VAL C 38 16.72 10.24 3.74
C VAL C 38 16.01 8.89 3.63
N LYS C 39 15.54 8.55 2.42
CA LYS C 39 14.90 7.25 2.22
C LYS C 39 15.86 6.11 2.50
N SER C 40 17.13 6.25 2.06
CA SER C 40 18.10 5.20 2.32
C SER C 40 18.34 5.03 3.82
N TYR C 41 18.38 6.15 4.56
CA TYR C 41 18.55 6.07 6.00
C TYR C 41 17.37 5.38 6.66
N LEU C 42 16.15 5.68 6.21
CA LEU C 42 14.98 5.02 6.76
C LEU C 42 15.03 3.51 6.53
N GLN C 43 15.51 3.08 5.37
CA GLN C 43 15.64 1.66 5.08
C GLN C 43 16.80 1.03 5.83
N GLN C 44 17.86 1.79 6.11
CA GLN C 44 19.03 1.21 6.77
C GLN C 44 18.69 0.81 8.21
N HIS C 45 18.02 1.68 8.94
CA HIS C 45 17.65 1.41 10.33
C HIS C 45 16.19 0.99 10.48
N ASN C 46 15.50 0.70 9.37
CA ASN C 46 14.11 0.27 9.38
C ASN C 46 13.25 1.15 10.28
N ILE C 47 13.29 2.44 10.01
CA ILE C 47 12.50 3.44 10.72
C ILE C 47 11.23 3.69 9.90
N PRO C 48 10.04 3.37 10.42
CA PRO C 48 8.82 3.51 9.62
C PRO C 48 8.52 4.96 9.29
N GLN C 49 7.87 5.17 8.14
CA GLN C 49 7.47 6.51 7.74
C GLN C 49 6.43 7.10 8.66
N ARG C 50 5.66 6.27 9.38
CA ARG C 50 4.67 6.79 10.31
C ARG C 50 5.31 7.52 11.47
N GLU C 51 6.50 7.09 11.89
CA GLU C 51 7.21 7.82 12.94
C GLU C 51 7.57 9.22 12.49
N VAL C 52 7.94 9.39 11.22
CA VAL C 52 8.14 10.72 10.67
C VAL C 52 6.83 11.50 10.66
N VAL C 53 5.73 10.82 10.32
CA VAL C 53 4.44 11.49 10.21
C VAL C 53 3.97 11.98 11.58
N ASP C 54 4.04 11.12 12.59
CA ASP C 54 3.54 11.47 13.91
C ASP C 54 4.40 12.54 14.58
N THR C 55 5.69 12.61 14.23
CA THR C 55 6.57 13.58 14.88
C THR C 55 6.48 14.95 14.21
N THR C 56 6.61 15.00 12.89
CA THR C 56 6.66 16.27 12.18
C THR C 56 5.29 16.78 11.76
N GLY C 57 4.30 15.89 11.62
CA GLY C 57 2.99 16.29 11.15
C GLY C 57 2.83 16.32 9.65
N LEU C 58 3.78 15.77 8.89
CA LEU C 58 3.66 15.72 7.45
C LEU C 58 2.69 14.63 7.02
N ASN C 59 2.05 14.85 5.89
CA ASN C 59 1.09 13.87 5.36
C ASN C 59 1.82 12.62 4.91
N GLN C 60 1.22 11.45 5.19
CA GLN C 60 1.87 10.18 4.87
C GLN C 60 2.03 10.00 3.36
N SER C 61 1.00 10.35 2.59
CA SER C 61 1.09 10.20 1.14
C SER C 61 2.10 11.18 0.55
N HIS C 62 2.07 12.43 1.00
CA HIS C 62 3.01 13.42 0.48
C HIS C 62 4.45 13.04 0.81
N LEU C 63 4.68 12.49 2.00
CA LEU C 63 6.01 12.03 2.36
C LEU C 63 6.42 10.82 1.54
N SER C 64 5.52 9.85 1.39
CA SER C 64 5.81 8.66 0.60
C SER C 64 6.13 9.04 -0.84
N GLN C 65 5.28 9.88 -1.45
CA GLN C 65 5.48 10.26 -2.84
C GLN C 65 6.72 11.13 -3.01
N HIS C 66 7.08 11.91 -1.99
CA HIS C 66 8.29 12.74 -2.08
C HIS C 66 9.54 11.88 -1.99
N LEU C 67 9.53 10.86 -1.14
CA LEU C 67 10.71 10.02 -0.98
C LEU C 67 10.87 9.04 -2.13
N ASN C 68 9.76 8.51 -2.65
CA ASN C 68 9.82 7.44 -3.64
C ASN C 68 9.83 7.97 -5.07
N LYS C 69 9.11 9.07 -5.34
CA LYS C 69 8.96 9.56 -6.70
C LYS C 69 9.64 10.90 -6.96
N GLY C 70 9.94 11.67 -5.92
CA GLY C 70 10.42 13.03 -6.11
C GLY C 70 9.32 14.06 -6.15
N THR C 71 8.11 13.70 -5.72
CA THR C 71 7.00 14.63 -5.65
C THR C 71 7.41 15.89 -4.89
N PRO C 72 7.06 17.07 -5.38
CA PRO C 72 7.60 18.29 -4.75
C PRO C 72 6.98 18.54 -3.38
N MET C 73 7.75 19.24 -2.56
CA MET C 73 7.34 19.59 -1.21
C MET C 73 7.91 20.95 -0.87
N LYS C 74 7.06 21.83 -0.35
CA LYS C 74 7.45 23.21 -0.09
C LYS C 74 8.61 23.27 0.91
N THR C 75 9.37 24.37 0.85
CA THR C 75 10.58 24.50 1.65
C THR C 75 10.31 24.29 3.13
N GLN C 76 9.24 24.92 3.66
CA GLN C 76 8.95 24.81 5.08
C GLN C 76 8.68 23.37 5.50
N LYS C 77 7.93 22.63 4.68
CA LYS C 77 7.68 21.22 4.98
C LYS C 77 8.96 20.41 4.88
N ARG C 78 9.79 20.66 3.86
CA ARG C 78 11.06 19.96 3.74
C ARG C 78 11.99 20.30 4.89
N ALA C 79 11.84 21.50 5.46
CA ALA C 79 12.65 21.88 6.62
C ALA C 79 12.29 21.06 7.84
N ALA C 80 11.01 20.74 8.02
CA ALA C 80 10.62 19.86 9.12
C ALA C 80 11.13 18.45 8.91
N LEU C 81 11.14 17.97 7.66
CA LEU C 81 11.68 16.66 7.37
C LEU C 81 13.17 16.60 7.65
N TYR C 82 13.91 17.60 7.21
CA TYR C 82 15.36 17.62 7.44
C TYR C 82 15.68 17.81 8.91
N THR C 83 14.93 18.66 9.61
CA THR C 83 15.13 18.84 11.04
C THR C 83 14.92 17.53 11.79
N TRP C 84 13.89 16.76 11.38
CA TRP C 84 13.67 15.44 11.98
C TRP C 84 14.84 14.50 11.66
N TYR C 85 15.36 14.58 10.44
CA TYR C 85 16.43 13.69 10.02
C TYR C 85 17.69 13.91 10.87
N VAL C 86 18.14 15.16 10.98
CA VAL C 86 19.37 15.45 11.72
C VAL C 86 19.19 15.09 13.19
N ARG C 87 18.01 15.35 13.75
CA ARG C 87 17.77 15.02 15.15
C ARG C 87 17.77 13.51 15.37
N LYS C 88 17.10 12.77 14.48
CA LYS C 88 16.99 11.32 14.65
C LYS C 88 18.34 10.63 14.53
N GLN C 89 19.20 11.14 13.65
CA GLN C 89 20.53 10.54 13.49
C GLN C 89 21.28 10.51 14.81
N ARG C 90 21.29 11.63 15.54
CA ARG C 90 21.95 11.66 16.83
C ARG C 90 21.25 10.77 17.85
N GLU C 91 19.92 10.68 17.77
CA GLU C 91 19.17 9.87 18.73
C GLU C 91 19.52 8.39 18.61
N VAL C 92 19.52 7.85 17.39
CA VAL C 92 19.91 6.47 17.19
C VAL C 92 21.41 6.27 17.43
N ALA C 93 22.21 7.33 17.29
CA ALA C 93 23.63 7.22 17.57
C ALA C 93 23.87 6.92 19.04
N GLN C 94 23.25 7.71 19.94
CA GLN C 94 23.38 7.47 21.36
C GLN C 94 22.64 6.22 21.81
N GLN C 95 21.64 5.79 21.04
CA GLN C 95 20.91 4.58 21.39
C GLN C 95 21.79 3.33 21.31
N PHE C 96 22.76 3.32 20.38
CA PHE C 96 23.62 2.17 20.19
C PHE C 96 24.84 2.20 21.12
N THR C 97 25.41 3.39 21.36
CA THR C 97 26.54 3.47 22.27
C THR C 97 26.13 3.22 23.72
N HIS C 98 24.86 3.39 24.05
CA HIS C 98 24.37 3.11 25.40
C HIS C 98 23.83 1.69 25.55
N ALA C 99 23.67 0.95 24.45
CA ALA C 99 23.11 -0.40 24.54
C ALA C 99 24.06 -1.34 25.28
N GLY C 100 25.26 -1.53 24.75
CA GLY C 100 26.27 -2.37 25.40
C GLY C 100 25.82 -3.79 25.64
N ARG C 119 2.92 4.81 21.10
CA ARG C 119 3.24 4.77 19.68
C ARG C 119 4.49 3.92 19.42
N ARG C 120 4.52 2.72 19.97
CA ARG C 120 5.65 1.83 19.76
C ARG C 120 5.66 1.32 18.32
N ASN C 121 6.83 1.35 17.70
CA ASN C 121 6.93 0.95 16.29
C ASN C 121 6.86 -0.56 16.16
N ARG C 122 6.36 -1.02 15.03
CA ARG C 122 6.25 -2.44 14.74
C ARG C 122 7.56 -2.96 14.15
N PHE C 123 7.93 -4.17 14.54
CA PHE C 123 9.10 -4.83 13.97
C PHE C 123 8.97 -4.94 12.46
N LYS C 124 10.07 -4.70 11.75
CA LYS C 124 10.14 -4.88 10.30
C LYS C 124 11.33 -5.75 9.97
N TRP C 125 11.13 -6.69 9.05
CA TRP C 125 12.20 -7.60 8.64
C TRP C 125 13.14 -6.87 7.69
N GLY C 126 14.42 -6.77 8.08
CA GLY C 126 15.42 -6.16 7.25
C GLY C 126 15.77 -7.03 6.06
N PRO C 127 16.27 -6.40 5.00
CA PRO C 127 16.62 -7.19 3.80
C PRO C 127 17.76 -8.16 4.04
N ALA C 128 18.74 -7.78 4.86
CA ALA C 128 19.86 -8.68 5.14
C ALA C 128 19.41 -9.94 5.85
N SER C 129 18.50 -9.80 6.82
CA SER C 129 17.99 -10.96 7.54
C SER C 129 17.10 -11.81 6.66
N GLN C 130 16.36 -11.20 5.74
CA GLN C 130 15.45 -11.96 4.89
C GLN C 130 16.21 -12.93 3.98
N GLN C 131 17.40 -12.54 3.53
CA GLN C 131 18.21 -13.47 2.73
C GLN C 131 18.64 -14.66 3.58
N ILE C 132 19.07 -14.40 4.82
CA ILE C 132 19.46 -15.48 5.72
C ILE C 132 18.30 -16.44 5.94
N LEU C 133 17.09 -15.89 6.09
CA LEU C 133 15.93 -16.73 6.33
C LEU C 133 15.55 -17.53 5.10
N PHE C 134 15.51 -16.89 3.93
CA PHE C 134 15.16 -17.60 2.71
C PHE C 134 16.11 -18.75 2.44
N GLN C 135 17.41 -18.54 2.71
CA GLN C 135 18.38 -19.61 2.51
C GLN C 135 18.14 -20.76 3.48
N ALA C 136 17.73 -20.44 4.71
CA ALA C 136 17.37 -21.49 5.67
C ALA C 136 16.06 -22.16 5.27
N TYR C 137 15.14 -21.42 4.62
CA TYR C 137 13.88 -21.99 4.20
C TYR C 137 14.05 -23.02 3.10
N GLU C 138 15.04 -22.83 2.23
CA GLU C 138 15.27 -23.79 1.15
C GLU C 138 15.69 -25.15 1.68
N ARG C 139 16.32 -25.18 2.86
CA ARG C 139 16.83 -26.42 3.43
C ARG C 139 15.94 -26.98 4.53
N GLN C 140 15.12 -26.15 5.16
CA GLN C 140 14.21 -26.64 6.20
C GLN C 140 13.10 -25.61 6.36
N LYS C 141 11.84 -26.05 6.24
CA LYS C 141 10.70 -25.16 6.38
C LYS C 141 10.09 -25.16 7.77
N ASN C 142 10.41 -26.15 8.60
CA ASN C 142 9.93 -26.22 9.98
C ASN C 142 11.15 -26.31 10.90
N PRO C 143 11.93 -25.24 11.01
CA PRO C 143 13.18 -25.32 11.78
C PRO C 143 12.91 -25.54 13.26
N SER C 144 13.76 -26.34 13.88
CA SER C 144 13.63 -26.62 15.30
C SER C 144 13.93 -25.36 16.11
N LYS C 145 13.82 -25.47 17.44
CA LYS C 145 14.14 -24.33 18.29
C LYS C 145 15.61 -23.98 18.20
N GLU C 146 16.49 -24.99 18.18
CA GLU C 146 17.92 -24.71 18.11
C GLU C 146 18.31 -24.09 16.77
N GLU C 147 17.58 -24.38 15.70
CA GLU C 147 17.85 -23.74 14.42
C GLU C 147 17.30 -22.32 14.39
N ARG C 148 16.13 -22.11 15.02
CA ARG C 148 15.55 -20.77 15.06
C ARG C 148 16.40 -19.83 15.91
N GLU C 149 16.89 -20.30 17.06
CA GLU C 149 17.70 -19.45 17.92
C GLU C 149 19.04 -19.11 17.26
N THR C 150 19.60 -20.06 16.51
CA THR C 150 20.84 -19.78 15.78
C THR C 150 20.61 -18.70 14.73
N LEU C 151 19.49 -18.78 14.01
CA LEU C 151 19.17 -17.76 13.02
C LEU C 151 18.97 -16.39 13.67
N VAL C 152 18.48 -16.38 14.91
CA VAL C 152 18.28 -15.11 15.61
C VAL C 152 19.62 -14.37 15.75
N GLU C 153 20.64 -15.08 16.24
CA GLU C 153 21.95 -14.45 16.40
C GLU C 153 22.55 -14.08 15.05
N GLU C 154 22.27 -14.86 14.01
CA GLU C 154 22.84 -14.56 12.69
C GLU C 154 22.17 -13.34 12.08
N CYS C 155 20.87 -13.19 12.27
CA CYS C 155 20.15 -12.05 11.68
C CYS C 155 20.50 -10.76 12.39
N ASN C 156 20.47 -10.76 13.72
CA ASN C 156 20.78 -9.56 14.49
C ASN C 156 22.20 -9.09 14.23
N ARG C 157 23.13 -10.01 13.99
CA ARG C 157 24.47 -9.62 13.60
C ARG C 157 24.47 -8.90 12.26
N ALA C 158 23.73 -9.44 11.27
CA ALA C 158 23.70 -8.82 9.96
C ALA C 158 23.02 -7.46 10.00
N GLU C 159 21.95 -7.34 10.79
CA GLU C 159 21.29 -6.04 10.93
C GLU C 159 22.21 -5.03 11.60
N CYS C 160 23.01 -5.47 12.57
CA CYS C 160 23.98 -4.58 13.19
C CYS C 160 25.06 -4.16 12.21
N ILE C 161 25.42 -5.04 11.27
CA ILE C 161 26.48 -4.74 10.33
C ILE C 161 26.02 -3.67 9.34
N GLN C 162 24.83 -3.83 8.78
CA GLN C 162 24.33 -2.88 7.77
C GLN C 162 24.17 -1.49 8.34
N ARG C 163 24.06 -1.35 9.67
CA ARG C 163 23.95 -0.06 10.32
C ARG C 163 25.30 0.50 10.74
N GLY C 164 26.40 -0.15 10.38
CA GLY C 164 27.71 0.28 10.82
C GLY C 164 27.89 0.19 12.31
N VAL C 165 27.35 -0.87 12.92
CA VAL C 165 27.31 -1.01 14.37
C VAL C 165 27.86 -2.38 14.75
N SER C 166 28.38 -2.46 15.97
CA SER C 166 28.84 -3.72 16.54
C SER C 166 27.66 -4.67 16.76
N PRO C 167 27.82 -5.96 16.49
CA PRO C 167 26.80 -6.93 16.89
C PRO C 167 26.62 -7.02 18.39
N SER C 168 27.60 -6.58 19.18
CA SER C 168 27.45 -6.57 20.63
C SER C 168 26.44 -5.53 21.10
N GLN C 169 26.10 -4.56 20.26
CA GLN C 169 25.12 -3.54 20.59
C GLN C 169 23.75 -3.83 19.97
N ALA C 170 23.39 -5.10 19.82
CA ALA C 170 22.13 -5.47 19.19
C ALA C 170 20.92 -4.98 19.97
N GLN C 171 21.09 -4.70 21.27
CA GLN C 171 19.99 -4.16 22.06
C GLN C 171 19.50 -2.83 21.51
N GLY C 172 20.38 -2.08 20.84
CA GLY C 172 20.00 -0.83 20.20
C GLY C 172 19.03 -0.98 19.04
N LEU C 173 18.86 -2.19 18.52
CA LEU C 173 17.89 -2.41 17.44
C LEU C 173 16.48 -2.12 17.89
N GLY C 174 16.19 -2.29 19.17
CA GLY C 174 14.90 -1.84 19.70
C GLY C 174 13.76 -2.66 19.14
N SER C 175 12.81 -1.98 18.51
CA SER C 175 11.65 -2.66 17.96
C SER C 175 12.00 -3.61 16.81
N ASN C 176 13.16 -3.42 16.19
CA ASN C 176 13.59 -4.23 15.07
C ASN C 176 14.54 -5.35 15.49
N LEU C 177 14.61 -5.65 16.78
CA LEU C 177 15.43 -6.75 17.26
C LEU C 177 14.75 -8.08 16.94
N VAL C 178 15.52 -9.01 16.41
CA VAL C 178 14.98 -10.31 16.00
C VAL C 178 14.86 -11.21 17.22
N THR C 179 13.67 -11.75 17.44
CA THR C 179 13.43 -12.71 18.51
C THR C 179 13.17 -14.09 17.92
N GLU C 180 13.26 -15.10 18.78
CA GLU C 180 12.98 -16.47 18.35
C GLU C 180 11.55 -16.60 17.87
N VAL C 181 10.62 -15.89 18.51
CA VAL C 181 9.22 -15.97 18.12
C VAL C 181 9.02 -15.37 16.73
N ARG C 182 9.71 -14.26 16.44
CA ARG C 182 9.54 -13.62 15.14
C ARG C 182 10.07 -14.49 14.01
N VAL C 183 11.13 -15.27 14.26
CA VAL C 183 11.64 -16.16 13.23
C VAL C 183 10.63 -17.27 12.92
N TYR C 184 10.00 -17.82 13.95
CA TYR C 184 8.98 -18.86 13.72
C TYR C 184 7.82 -18.30 12.91
N ASN C 185 7.40 -17.07 13.21
CA ASN C 185 6.28 -16.47 12.48
C ASN C 185 6.64 -16.25 11.02
N TRP C 186 7.89 -15.84 10.75
CA TRP C 186 8.30 -15.64 9.36
C TRP C 186 8.24 -16.94 8.57
N PHE C 187 8.73 -18.04 9.17
CA PHE C 187 8.69 -19.33 8.48
C PHE C 187 7.26 -19.82 8.30
N ALA C 188 6.44 -19.70 9.36
CA ALA C 188 5.06 -20.15 9.26
C ALA C 188 4.28 -19.36 8.21
N ASN C 189 4.45 -18.04 8.20
CA ASN C 189 3.78 -17.21 7.20
C ASN C 189 4.27 -17.54 5.80
N ARG C 190 5.54 -17.90 5.65
CA ARG C 190 6.06 -18.29 4.34
C ARG C 190 5.44 -19.61 3.88
N ARG C 191 5.36 -20.60 4.77
CA ARG C 191 4.68 -21.84 4.42
C ARG C 191 3.24 -21.58 3.99
N LYS C 192 2.58 -20.62 4.65
CA LYS C 192 1.23 -20.23 4.24
C LYS C 192 1.22 -19.69 2.82
N GLU C 193 2.26 -18.93 2.45
CA GLU C 193 2.29 -18.31 1.12
C GLU C 193 2.51 -19.33 0.03
N GLU C 194 3.25 -20.41 0.31
CA GLU C 194 3.37 -21.51 -0.64
C GLU C 194 2.02 -22.13 -0.96
N ALA C 195 1.03 -21.93 -0.08
CA ALA C 195 -0.35 -22.37 -0.30
C ALA C 195 -0.44 -23.87 -0.55
N LEU D 11 -37.36 -10.25 -5.40
CA LEU D 11 -38.72 -9.69 -5.34
C LEU D 11 -39.76 -10.81 -5.39
N SER D 12 -39.90 -11.44 -6.54
CA SER D 12 -40.81 -12.57 -6.68
C SER D 12 -40.33 -13.74 -5.81
N PRO D 13 -41.25 -14.55 -5.28
CA PRO D 13 -40.81 -15.73 -4.51
C PRO D 13 -39.90 -16.64 -5.31
N GLU D 14 -40.25 -16.91 -6.57
CA GLU D 14 -39.39 -17.71 -7.43
C GLU D 14 -38.06 -17.01 -7.68
N GLU D 15 -38.05 -15.68 -7.66
CA GLU D 15 -36.80 -14.93 -7.79
C GLU D 15 -36.03 -14.90 -6.48
N ALA D 16 -36.73 -14.79 -5.35
CA ALA D 16 -36.04 -14.81 -4.06
C ALA D 16 -35.44 -16.18 -3.78
N ALA D 17 -36.17 -17.25 -4.13
CA ALA D 17 -35.63 -18.60 -3.95
C ALA D 17 -34.45 -18.86 -4.88
N HIS D 18 -34.47 -18.26 -6.08
CA HIS D 18 -33.35 -18.40 -6.99
C HIS D 18 -32.08 -17.80 -6.40
N GLN D 19 -32.21 -16.66 -5.71
CA GLN D 19 -31.04 -16.03 -5.11
C GLN D 19 -30.43 -16.92 -4.02
N LYS D 20 -31.28 -17.46 -3.14
CA LYS D 20 -30.76 -18.38 -2.11
C LYS D 20 -30.16 -19.63 -2.74
N ALA D 21 -30.69 -20.06 -3.89
CA ALA D 21 -30.18 -21.26 -4.54
C ALA D 21 -28.74 -21.08 -5.00
N VAL D 22 -28.46 -19.97 -5.68
CA VAL D 22 -27.12 -19.77 -6.24
C VAL D 22 -26.08 -19.65 -5.13
N VAL D 23 -26.45 -19.10 -3.98
CA VAL D 23 -25.53 -19.03 -2.85
C VAL D 23 -25.16 -20.43 -2.38
N GLU D 24 -26.14 -21.34 -2.38
CA GLU D 24 -25.89 -22.72 -1.98
C GLU D 24 -24.89 -23.39 -2.91
N THR D 25 -25.11 -23.27 -4.22
CA THR D 25 -24.16 -23.82 -5.18
C THR D 25 -22.78 -23.19 -5.01
N LEU D 26 -22.72 -21.86 -4.96
CA LEU D 26 -21.44 -21.18 -4.83
C LEU D 26 -20.70 -21.60 -3.57
N LEU D 27 -21.42 -21.75 -2.46
CA LEU D 27 -20.80 -22.22 -1.23
C LEU D 27 -20.33 -23.67 -1.33
N GLN D 28 -20.86 -24.43 -2.27
CA GLN D 28 -20.46 -25.81 -2.48
C GLN D 28 -19.45 -25.97 -3.61
N GLU D 29 -18.77 -24.90 -4.00
CA GLU D 29 -17.75 -24.93 -5.04
C GLU D 29 -16.40 -24.58 -4.43
N ASP D 30 -15.35 -24.81 -5.21
CA ASP D 30 -14.01 -24.37 -4.82
C ASP D 30 -14.01 -22.87 -4.57
N PRO D 31 -13.68 -22.40 -3.37
CA PRO D 31 -13.82 -20.97 -3.09
C PRO D 31 -12.95 -20.09 -3.97
N TRP D 32 -11.81 -20.58 -4.43
CA TRP D 32 -10.95 -19.77 -5.29
C TRP D 32 -11.60 -19.48 -6.63
N ARG D 33 -12.35 -20.45 -7.17
CA ARG D 33 -13.04 -20.24 -8.43
C ARG D 33 -14.08 -19.13 -8.30
N VAL D 34 -14.88 -19.17 -7.23
CA VAL D 34 -15.88 -18.12 -7.01
C VAL D 34 -15.20 -16.80 -6.69
N ALA D 35 -14.04 -16.84 -6.02
CA ALA D 35 -13.33 -15.60 -5.70
C ALA D 35 -12.90 -14.88 -6.97
N LYS D 36 -12.31 -15.61 -7.92
CA LYS D 36 -11.95 -15.00 -9.20
C LYS D 36 -13.18 -14.50 -9.93
N MET D 37 -14.29 -15.23 -9.82
CA MET D 37 -15.52 -14.80 -10.47
C MET D 37 -16.06 -13.53 -9.82
N VAL D 38 -15.95 -13.42 -8.49
CA VAL D 38 -16.41 -12.21 -7.81
C VAL D 38 -15.43 -11.07 -8.04
N LYS D 39 -14.13 -11.37 -8.04
CA LYS D 39 -13.13 -10.33 -8.29
C LYS D 39 -13.22 -9.82 -9.72
N SER D 40 -13.53 -10.71 -10.68
CA SER D 40 -13.68 -10.27 -12.05
C SER D 40 -14.93 -9.40 -12.24
N TYR D 41 -16.00 -9.71 -11.50
CA TYR D 41 -17.19 -8.87 -11.55
C TYR D 41 -16.92 -7.50 -10.94
N LEU D 42 -16.13 -7.47 -9.87
CA LEU D 42 -15.76 -6.18 -9.27
C LEU D 42 -14.93 -5.36 -10.23
N GLN D 43 -13.99 -5.98 -10.94
CA GLN D 43 -13.17 -5.26 -11.90
C GLN D 43 -13.97 -4.84 -13.12
N GLN D 44 -14.90 -5.68 -13.58
CA GLN D 44 -15.67 -5.36 -14.76
C GLN D 44 -16.53 -4.12 -14.54
N HIS D 45 -17.15 -4.01 -13.36
CA HIS D 45 -18.03 -2.89 -13.07
C HIS D 45 -17.38 -1.83 -12.20
N ASN D 46 -16.08 -1.96 -11.91
CA ASN D 46 -15.34 -1.02 -11.09
C ASN D 46 -16.07 -0.72 -9.78
N ILE D 47 -16.51 -1.79 -9.12
CA ILE D 47 -17.16 -1.68 -7.82
C ILE D 47 -16.06 -1.70 -6.75
N PRO D 48 -15.95 -0.67 -5.91
CA PRO D 48 -14.86 -0.65 -4.92
C PRO D 48 -15.06 -1.72 -3.87
N GLN D 49 -13.94 -2.30 -3.43
CA GLN D 49 -14.00 -3.28 -2.34
C GLN D 49 -14.56 -2.66 -1.07
N ARG D 50 -14.34 -1.36 -0.87
CA ARG D 50 -14.89 -0.69 0.30
C ARG D 50 -16.41 -0.76 0.32
N GLU D 51 -17.04 -0.76 -0.86
CA GLU D 51 -18.49 -0.95 -0.91
C GLU D 51 -18.89 -2.30 -0.34
N VAL D 52 -18.10 -3.34 -0.64
CA VAL D 52 -18.40 -4.67 -0.10
C VAL D 52 -18.21 -4.68 1.41
N VAL D 53 -17.07 -4.15 1.87
CA VAL D 53 -16.75 -4.16 3.29
C VAL D 53 -17.84 -3.46 4.10
N ASP D 54 -18.31 -2.31 3.61
CA ASP D 54 -19.33 -1.56 4.35
C ASP D 54 -20.64 -2.34 4.45
N THR D 55 -21.03 -3.01 3.37
CA THR D 55 -22.31 -3.70 3.32
C THR D 55 -22.25 -5.10 3.92
N THR D 56 -21.08 -5.75 3.90
CA THR D 56 -20.96 -7.12 4.41
C THR D 56 -20.42 -7.19 5.83
N GLY D 57 -19.53 -6.29 6.21
CA GLY D 57 -18.87 -6.39 7.50
C GLY D 57 -17.61 -7.22 7.49
N LEU D 58 -17.06 -7.53 6.32
CA LEU D 58 -15.84 -8.31 6.21
C LEU D 58 -14.62 -7.39 6.29
N ASN D 59 -13.55 -7.91 6.89
CA ASN D 59 -12.33 -7.12 7.06
C ASN D 59 -11.70 -6.82 5.71
N GLN D 60 -11.19 -5.59 5.56
CA GLN D 60 -10.67 -5.13 4.28
C GLN D 60 -9.47 -5.96 3.84
N SER D 61 -8.56 -6.27 4.75
CA SER D 61 -7.40 -7.09 4.40
C SER D 61 -7.82 -8.51 4.08
N HIS D 62 -8.71 -9.09 4.88
CA HIS D 62 -9.16 -10.46 4.64
C HIS D 62 -9.84 -10.59 3.29
N LEU D 63 -10.70 -9.63 2.94
CA LEU D 63 -11.42 -9.70 1.67
C LEU D 63 -10.48 -9.55 0.48
N SER D 64 -9.58 -8.57 0.55
CA SER D 64 -8.63 -8.37 -0.54
C SER D 64 -7.75 -9.59 -0.74
N GLN D 65 -7.28 -10.19 0.36
CA GLN D 65 -6.44 -11.38 0.25
C GLN D 65 -7.22 -12.59 -0.23
N HIS D 66 -8.51 -12.69 0.14
CA HIS D 66 -9.32 -13.79 -0.34
C HIS D 66 -9.60 -13.66 -1.83
N LEU D 67 -9.86 -12.43 -2.30
CA LEU D 67 -10.12 -12.22 -3.73
C LEU D 67 -8.86 -12.36 -4.55
N ASN D 68 -7.71 -11.95 -4.02
CA ASN D 68 -6.48 -11.92 -4.80
C ASN D 68 -5.65 -13.19 -4.66
N LYS D 69 -5.61 -13.78 -3.46
CA LYS D 69 -4.69 -14.88 -3.21
C LYS D 69 -5.36 -16.19 -2.81
N GLY D 70 -6.67 -16.21 -2.60
CA GLY D 70 -7.32 -17.41 -2.10
C GLY D 70 -7.18 -17.61 -0.60
N THR D 71 -6.85 -16.55 0.12
CA THR D 71 -6.75 -16.59 1.57
C THR D 71 -8.01 -17.21 2.17
N PRO D 72 -7.88 -18.07 3.18
CA PRO D 72 -9.07 -18.77 3.70
C PRO D 72 -10.11 -17.82 4.29
N MET D 73 -11.37 -18.24 4.16
CA MET D 73 -12.49 -17.49 4.71
C MET D 73 -13.62 -18.48 5.01
N LYS D 74 -14.15 -18.42 6.23
CA LYS D 74 -15.19 -19.34 6.65
C LYS D 74 -16.42 -19.25 5.76
N THR D 75 -17.21 -20.33 5.76
CA THR D 75 -18.40 -20.36 4.92
C THR D 75 -19.40 -19.28 5.32
N GLN D 76 -19.51 -18.99 6.61
CA GLN D 76 -20.44 -17.96 7.06
C GLN D 76 -20.05 -16.59 6.51
N LYS D 77 -18.74 -16.28 6.51
CA LYS D 77 -18.28 -15.04 5.90
C LYS D 77 -18.43 -15.09 4.38
N ARG D 78 -18.04 -16.20 3.77
CA ARG D 78 -18.21 -16.36 2.33
C ARG D 78 -19.68 -16.25 1.93
N ALA D 79 -20.59 -16.75 2.77
CA ALA D 79 -22.01 -16.64 2.47
C ALA D 79 -22.46 -15.19 2.41
N ALA D 80 -21.84 -14.32 3.22
CA ALA D 80 -22.19 -12.89 3.17
C ALA D 80 -21.67 -12.25 1.89
N LEU D 81 -20.47 -12.62 1.46
CA LEU D 81 -19.93 -12.10 0.20
C LEU D 81 -20.76 -12.56 -0.98
N TYR D 82 -21.15 -13.83 -1.01
CA TYR D 82 -21.95 -14.35 -2.12
C TYR D 82 -23.33 -13.71 -2.13
N THR D 83 -23.95 -13.56 -0.96
CA THR D 83 -25.28 -12.93 -0.90
C THR D 83 -25.21 -11.50 -1.41
N TRP D 84 -24.17 -10.75 -1.04
CA TRP D 84 -24.00 -9.41 -1.58
C TRP D 84 -23.79 -9.44 -3.09
N TYR D 85 -23.09 -10.45 -3.58
CA TYR D 85 -22.74 -10.52 -5.00
C TYR D 85 -23.99 -10.70 -5.87
N VAL D 86 -24.87 -11.64 -5.50
CA VAL D 86 -26.07 -11.89 -6.29
C VAL D 86 -27.00 -10.69 -6.25
N ARG D 87 -27.15 -10.06 -5.09
CA ARG D 87 -28.03 -8.90 -4.97
C ARG D 87 -27.50 -7.71 -5.76
N LYS D 88 -26.17 -7.54 -5.78
CA LYS D 88 -25.57 -6.45 -6.52
C LYS D 88 -25.82 -6.60 -8.02
N GLN D 89 -25.74 -7.84 -8.53
CA GLN D 89 -25.95 -8.05 -9.96
C GLN D 89 -27.35 -7.65 -10.39
N ARG D 90 -28.35 -7.89 -9.54
CA ARG D 90 -29.70 -7.50 -9.87
C ARG D 90 -29.85 -5.98 -9.87
N GLU D 91 -29.23 -5.31 -8.89
CA GLU D 91 -29.31 -3.86 -8.82
C GLU D 91 -28.55 -3.21 -9.98
N VAL D 92 -27.35 -3.69 -10.27
CA VAL D 92 -26.56 -3.14 -11.37
C VAL D 92 -27.30 -3.32 -12.69
N ALA D 93 -27.92 -4.48 -12.90
CA ALA D 93 -28.72 -4.69 -14.10
C ALA D 93 -29.90 -3.74 -14.15
N GLN D 94 -30.59 -3.56 -13.01
CA GLN D 94 -31.70 -2.61 -12.95
C GLN D 94 -31.22 -1.19 -13.20
N GLN D 95 -30.06 -0.84 -12.64
CA GLN D 95 -29.53 0.51 -12.81
C GLN D 95 -29.26 0.82 -14.27
N PHE D 96 -28.87 -0.18 -15.06
CA PHE D 96 -28.60 0.04 -16.48
C PHE D 96 -29.86 -0.06 -17.33
N THR D 97 -30.84 -0.85 -16.91
CA THR D 97 -32.10 -0.91 -17.64
C THR D 97 -32.81 0.43 -17.62
N HIS D 98 -32.68 1.19 -16.54
CA HIS D 98 -33.40 2.45 -16.38
C HIS D 98 -32.62 3.64 -16.91
N ARG D 120 -21.46 8.49 -3.08
CA ARG D 120 -20.59 8.00 -2.02
C ARG D 120 -19.33 7.36 -2.59
N ASN D 121 -19.48 6.64 -3.70
CA ASN D 121 -18.35 5.94 -4.31
C ASN D 121 -17.53 6.90 -5.17
N ARG D 122 -16.20 6.76 -5.09
CA ARG D 122 -15.30 7.60 -5.86
C ARG D 122 -15.13 7.03 -7.27
N PHE D 123 -14.88 7.92 -8.22
CA PHE D 123 -14.67 7.52 -9.60
C PHE D 123 -13.48 6.59 -9.73
N LYS D 124 -13.54 5.70 -10.72
CA LYS D 124 -12.46 4.73 -10.97
C LYS D 124 -12.27 4.61 -12.47
N TRP D 125 -11.04 4.86 -12.93
CA TRP D 125 -10.75 4.74 -14.36
C TRP D 125 -10.74 3.27 -14.76
N GLY D 126 -11.47 2.95 -15.82
CA GLY D 126 -11.51 1.61 -16.35
C GLY D 126 -10.31 1.32 -17.25
N PRO D 127 -9.93 0.05 -17.35
CA PRO D 127 -8.76 -0.29 -18.18
C PRO D 127 -8.95 0.01 -19.65
N ALA D 128 -10.18 -0.07 -20.16
CA ALA D 128 -10.41 0.25 -21.56
C ALA D 128 -10.27 1.75 -21.81
N SER D 129 -10.83 2.57 -20.91
CA SER D 129 -10.72 4.01 -21.07
C SER D 129 -9.28 4.48 -21.04
N GLN D 130 -8.46 3.85 -20.19
CA GLN D 130 -7.08 4.30 -20.05
C GLN D 130 -6.28 4.11 -21.33
N GLN D 131 -6.58 3.06 -22.10
CA GLN D 131 -5.89 2.87 -23.37
C GLN D 131 -6.23 3.98 -24.36
N ILE D 132 -7.49 4.40 -24.39
CA ILE D 132 -7.88 5.52 -25.24
C ILE D 132 -7.12 6.77 -24.83
N LEU D 133 -6.98 6.99 -23.52
CA LEU D 133 -6.33 8.21 -23.04
C LEU D 133 -4.81 8.14 -23.25
N PHE D 134 -4.22 6.96 -23.10
CA PHE D 134 -2.80 6.80 -23.39
C PHE D 134 -2.51 7.18 -24.84
N GLN D 135 -3.26 6.62 -25.78
CA GLN D 135 -3.06 6.95 -27.20
C GLN D 135 -3.29 8.43 -27.44
N ALA D 136 -4.37 8.99 -26.88
CA ALA D 136 -4.62 10.42 -27.02
C ALA D 136 -3.48 11.23 -26.42
N TYR D 137 -2.96 10.82 -25.26
CA TYR D 137 -1.84 11.52 -24.68
C TYR D 137 -0.62 11.43 -25.59
N GLU D 138 -0.41 10.29 -26.24
CA GLU D 138 0.75 10.15 -27.13
C GLU D 138 0.75 11.19 -28.23
N ARG D 139 -0.44 11.65 -28.65
CA ARG D 139 -0.52 12.67 -29.70
C ARG D 139 -0.41 14.07 -29.12
N GLN D 140 -1.15 14.36 -28.06
CA GLN D 140 -1.17 15.69 -27.49
C GLN D 140 -1.39 15.60 -25.98
N LYS D 141 -0.69 16.45 -25.22
CA LYS D 141 -0.61 16.33 -23.77
C LYS D 141 -1.50 17.29 -23.00
N ASN D 142 -1.88 18.41 -23.61
CA ASN D 142 -2.72 19.43 -22.96
C ASN D 142 -4.01 19.59 -23.78
N PRO D 143 -4.89 18.60 -23.74
CA PRO D 143 -5.99 18.54 -24.71
C PRO D 143 -6.96 19.70 -24.55
N SER D 144 -7.43 20.21 -25.69
CA SER D 144 -8.45 21.25 -25.70
C SER D 144 -9.77 20.69 -25.19
N LYS D 145 -10.65 21.60 -24.77
CA LYS D 145 -11.96 21.19 -24.29
C LYS D 145 -12.76 20.47 -25.36
N GLU D 146 -12.43 20.68 -26.65
CA GLU D 146 -13.03 19.90 -27.73
C GLU D 146 -12.62 18.44 -27.64
N GLU D 147 -11.31 18.19 -27.72
CA GLU D 147 -10.82 16.82 -27.71
C GLU D 147 -11.17 16.10 -26.42
N ARG D 148 -11.17 16.82 -25.30
CA ARG D 148 -11.53 16.19 -24.02
C ARG D 148 -12.97 15.69 -24.05
N GLU D 149 -13.89 16.49 -24.61
CA GLU D 149 -15.29 16.06 -24.67
C GLU D 149 -15.48 14.92 -25.66
N THR D 150 -14.68 14.88 -26.72
CA THR D 150 -14.71 13.73 -27.62
C THR D 150 -14.24 12.47 -26.90
N LEU D 151 -13.16 12.58 -26.12
CA LEU D 151 -12.66 11.44 -25.37
C LEU D 151 -13.64 10.99 -24.30
N VAL D 152 -14.43 11.92 -23.74
CA VAL D 152 -15.47 11.54 -22.78
C VAL D 152 -16.42 10.55 -23.42
N GLU D 153 -16.83 10.81 -24.67
CA GLU D 153 -17.77 9.92 -25.35
C GLU D 153 -17.12 8.59 -25.68
N GLU D 154 -15.88 8.60 -26.18
CA GLU D 154 -15.21 7.36 -26.54
C GLU D 154 -15.01 6.47 -25.31
N CYS D 155 -14.59 7.05 -24.19
CA CYS D 155 -14.37 6.27 -22.99
C CYS D 155 -15.69 5.74 -22.42
N ASN D 156 -16.73 6.57 -22.44
CA ASN D 156 -18.03 6.12 -21.94
C ASN D 156 -18.63 5.04 -22.82
N ARG D 157 -18.40 5.11 -24.14
CA ARG D 157 -18.81 4.03 -25.02
C ARG D 157 -17.96 2.79 -24.79
N ALA D 158 -16.65 2.98 -24.55
CA ALA D 158 -15.77 1.84 -24.31
C ALA D 158 -16.09 1.15 -22.99
N GLU D 159 -16.46 1.92 -21.96
CA GLU D 159 -16.78 1.32 -20.67
C GLU D 159 -18.11 0.58 -20.73
N CYS D 160 -19.07 1.09 -21.49
CA CYS D 160 -20.35 0.39 -21.64
C CYS D 160 -20.17 -0.94 -22.37
N ILE D 161 -19.22 -1.02 -23.29
CA ILE D 161 -19.00 -2.27 -24.02
C ILE D 161 -18.38 -3.32 -23.09
N GLN D 162 -17.50 -2.89 -22.18
CA GLN D 162 -16.85 -3.82 -21.26
C GLN D 162 -17.86 -4.54 -20.38
N ARG D 163 -18.98 -3.88 -20.04
CA ARG D 163 -20.02 -4.49 -19.21
C ARG D 163 -21.20 -4.99 -20.04
N GLY D 164 -21.06 -5.07 -21.36
CA GLY D 164 -22.08 -5.67 -22.20
C GLY D 164 -23.41 -4.93 -22.24
N VAL D 165 -23.40 -3.61 -22.03
CA VAL D 165 -24.61 -2.81 -22.13
C VAL D 165 -24.51 -1.95 -23.39
N SER D 166 -25.63 -1.34 -23.76
CA SER D 166 -25.60 -0.42 -24.89
C SER D 166 -25.01 0.92 -24.44
N PRO D 167 -24.26 1.59 -25.32
CA PRO D 167 -23.74 2.92 -24.94
C PRO D 167 -24.82 3.94 -24.63
N SER D 168 -26.08 3.68 -25.01
CA SER D 168 -27.17 4.57 -24.68
C SER D 168 -27.55 4.52 -23.21
N GLN D 169 -27.01 3.57 -22.45
CA GLN D 169 -27.32 3.43 -21.03
C GLN D 169 -26.15 3.87 -20.15
N ALA D 170 -25.36 4.83 -20.63
CA ALA D 170 -24.14 5.24 -19.93
C ALA D 170 -24.41 5.89 -18.58
N GLN D 171 -25.62 6.42 -18.37
CA GLN D 171 -25.93 6.99 -17.06
C GLN D 171 -25.99 5.93 -15.97
N GLY D 172 -26.09 4.65 -16.34
CA GLY D 172 -26.00 3.59 -15.36
C GLY D 172 -24.61 3.41 -14.79
N LEU D 173 -23.60 4.01 -15.42
CA LEU D 173 -22.24 3.95 -14.88
C LEU D 173 -22.15 4.61 -13.51
N GLY D 174 -23.08 5.51 -13.19
CA GLY D 174 -23.14 6.06 -11.84
C GLY D 174 -21.87 6.81 -11.48
N SER D 175 -21.26 6.41 -10.37
CA SER D 175 -20.03 7.04 -9.89
C SER D 175 -18.83 6.83 -10.82
N ASN D 176 -18.94 5.93 -11.79
CA ASN D 176 -17.87 5.68 -12.76
C ASN D 176 -18.15 6.31 -14.12
N LEU D 177 -19.11 7.23 -14.20
CA LEU D 177 -19.36 7.94 -15.45
C LEU D 177 -18.20 8.90 -15.74
N VAL D 178 -17.70 8.85 -16.97
CA VAL D 178 -16.60 9.71 -17.38
C VAL D 178 -17.12 11.11 -17.67
N THR D 179 -16.53 12.11 -17.02
CA THR D 179 -16.86 13.52 -17.24
C THR D 179 -15.67 14.25 -17.85
N GLU D 180 -15.88 15.51 -18.19
CA GLU D 180 -14.83 16.29 -18.86
C GLU D 180 -13.72 16.68 -17.88
N VAL D 181 -14.09 17.03 -16.65
CA VAL D 181 -13.08 17.38 -15.65
C VAL D 181 -12.20 16.18 -15.35
N ARG D 182 -12.80 14.98 -15.29
CA ARG D 182 -12.03 13.78 -14.99
C ARG D 182 -11.02 13.48 -16.08
N VAL D 183 -11.35 13.76 -17.34
CA VAL D 183 -10.36 13.65 -18.41
C VAL D 183 -9.27 14.68 -18.22
N TYR D 184 -9.63 15.90 -17.78
CA TYR D 184 -8.63 16.94 -17.58
C TYR D 184 -7.66 16.57 -16.48
N ASN D 185 -8.17 16.11 -15.34
CA ASN D 185 -7.30 15.74 -14.22
C ASN D 185 -6.44 14.53 -14.56
N TRP D 186 -6.92 13.64 -15.43
CA TRP D 186 -6.10 12.52 -15.88
C TRP D 186 -4.90 13.01 -16.67
N PHE D 187 -5.13 13.90 -17.64
CA PHE D 187 -4.03 14.46 -18.42
C PHE D 187 -3.13 15.33 -17.55
N ALA D 188 -3.70 16.04 -16.59
CA ALA D 188 -2.88 16.85 -15.68
C ALA D 188 -1.98 15.97 -14.83
N ASN D 189 -2.57 15.01 -14.12
CA ASN D 189 -1.79 14.13 -13.26
C ASN D 189 -0.78 13.31 -14.05
N ARG D 190 -1.12 12.94 -15.28
CA ARG D 190 -0.20 12.14 -16.10
C ARG D 190 0.96 12.98 -16.61
N ARG D 191 0.71 14.24 -16.97
CA ARG D 191 1.81 15.14 -17.32
C ARG D 191 2.75 15.34 -16.14
N LYS D 192 2.20 15.41 -14.92
CA LYS D 192 3.03 15.56 -13.73
C LYS D 192 3.82 14.30 -13.43
N GLU D 193 3.25 13.12 -13.71
CA GLU D 193 3.96 11.87 -13.50
C GLU D 193 5.16 11.70 -14.43
N GLU D 194 5.17 12.41 -15.56
CA GLU D 194 6.32 12.41 -16.44
C GLU D 194 7.45 13.30 -15.94
N ALA D 195 7.25 14.02 -14.85
CA ALA D 195 8.28 14.87 -14.27
C ALA D 195 8.70 14.35 -12.89
C1 GOL E . 18.09 1.53 14.83
O1 GOL E . 18.94 0.95 13.90
C2 GOL E . 16.69 0.99 14.52
O2 GOL E . 16.65 -0.39 14.63
C3 GOL E . 15.75 1.70 15.51
O3 GOL E . 16.20 1.39 16.78
C1 GOL F . -21.73 -0.53 -13.09
O1 GOL F . -20.78 -0.96 -14.01
C2 GOL F . -21.00 0.33 -12.05
O2 GOL F . -20.23 1.32 -12.66
C3 GOL F . -22.11 0.89 -11.15
O3 GOL F . -22.89 -0.20 -10.75
#